data_8P5P
#
_entry.id   8P5P
#
_cell.length_a   75.715
_cell.length_b   75.715
_cell.length_c   122.855
_cell.angle_alpha   90.00
_cell.angle_beta   90.00
_cell.angle_gamma   120.00
#
_symmetry.space_group_name_H-M   'P 65'
#
loop_
_entity.id
_entity.type
_entity.pdbx_description
1 polymer 'Tectonin beta-propeller repeat-containing protein 1'
2 non-polymer GLYCEROL
3 water water
#
_entity_poly.entity_id   1
_entity_poly.type   'polypeptide(L)'
_entity_poly.pdbx_seq_one_letter_code
;GAASDVPIRRREEAYENQRWNPMGGFCE(MLY)LLLSDRWGWSDVSGLQHRPLDRVALPSPHWEWESDWYVDENFGGEPT
EKGGWTYAIDFPATYTKD(MLY)(MLY)WNSCVRRR(MLY)WIRYRRYKSRD
;
_entity_poly.pdbx_strand_id   A,B,C
#
loop_
_chem_comp.id
_chem_comp.type
_chem_comp.name
_chem_comp.formula
GOL non-polymer GLYCEROL 'C3 H8 O3'
#
# COMPACT_ATOMS: atom_id res chain seq x y z
N PRO A 7 0.68 28.15 11.61
CA PRO A 7 0.64 27.08 10.60
C PRO A 7 0.31 25.72 11.20
N ILE A 8 -0.73 25.06 10.70
CA ILE A 8 -1.13 23.76 11.20
C ILE A 8 -0.33 22.68 10.46
N ARG A 9 0.41 21.87 11.22
CA ARG A 9 1.37 20.93 10.67
C ARG A 9 1.24 19.61 11.40
N ARG A 10 1.43 18.51 10.68
CA ARG A 10 1.29 17.15 11.25
C ARG A 10 2.41 16.30 10.66
N ARG A 11 3.15 15.57 11.48
CA ARG A 11 4.23 14.73 11.02
C ARG A 11 3.74 13.31 10.88
N GLU A 12 4.01 12.72 9.72
CA GLU A 12 3.75 11.31 9.49
C GLU A 12 5.07 10.57 9.67
N GLU A 13 5.00 9.32 10.13
CA GLU A 13 6.20 8.49 10.24
C GLU A 13 5.90 7.07 9.76
N ALA A 14 6.97 6.39 9.38
CA ALA A 14 6.94 5.04 8.87
C ALA A 14 8.30 4.41 9.15
N TYR A 15 8.30 3.13 9.54
CA TYR A 15 9.54 2.41 9.84
C TYR A 15 9.87 1.46 8.70
N GLU A 16 11.14 1.45 8.31
CA GLU A 16 11.73 0.47 7.40
C GLU A 16 12.43 -0.59 8.23
N ASN A 17 11.97 -1.84 8.15
CA ASN A 17 12.42 -2.95 9.00
C ASN A 17 13.23 -3.96 8.19
N GLN A 18 14.36 -4.39 8.72
CA GLN A 18 15.24 -5.35 8.06
C GLN A 18 15.73 -6.41 9.05
N ARG A 19 16.09 -7.57 8.51
CA ARG A 19 16.61 -8.71 9.26
C ARG A 19 17.87 -9.20 8.57
N TRP A 20 18.83 -9.65 9.37
CA TRP A 20 20.08 -10.16 8.85
C TRP A 20 19.90 -11.60 8.34
N ASN A 21 20.56 -11.87 7.21
CA ASN A 21 20.49 -13.09 6.42
C ASN A 21 21.92 -13.40 5.99
N PRO A 22 22.39 -14.64 6.09
CA PRO A 22 23.80 -14.90 5.74
C PRO A 22 24.13 -14.43 4.35
N MET A 23 23.15 -14.45 3.44
CA MET A 23 23.36 -14.07 2.05
C MET A 23 23.21 -12.56 1.82
N GLY A 24 22.13 -11.99 2.31
CA GLY A 24 21.83 -10.61 2.04
C GLY A 24 22.33 -9.61 3.07
N GLY A 25 22.99 -10.04 4.15
CA GLY A 25 23.18 -9.06 5.20
C GLY A 25 21.85 -8.61 5.75
N PHE A 26 21.80 -7.38 6.28
CA PHE A 26 20.53 -6.79 6.67
C PHE A 26 19.76 -6.48 5.40
N CYS A 27 18.55 -6.99 5.28
CA CYS A 27 17.89 -6.92 3.99
C CYS A 27 16.40 -7.13 4.19
N GLU A 28 15.69 -7.24 3.07
CA GLU A 28 14.24 -7.18 3.07
C GLU A 28 13.62 -8.56 3.24
N MLY A 29 14.44 -9.62 3.30
CA MLY A 29 13.88 -10.94 3.57
CB MLY A 29 14.79 -12.08 3.12
CG MLY A 29 14.68 -12.41 1.68
CD MLY A 29 14.99 -13.85 1.36
CE MLY A 29 14.94 -14.07 -0.10
NZ MLY A 29 15.28 -15.39 -0.59
CH1 MLY A 29 14.15 -16.29 -0.28
CH2 MLY A 29 15.34 -15.21 -2.05
C MLY A 29 13.60 -11.06 5.05
O MLY A 29 14.46 -11.48 5.83
H MLY A 29 15.29 -9.59 3.19
HA MLY A 29 13.05 -11.05 3.05
HB2 MLY A 29 14.56 -12.89 3.63
HB3 MLY A 29 15.71 -11.84 3.31
HG2 MLY A 29 15.31 -11.86 1.18
HG3 MLY A 29 13.78 -12.23 1.37
HD2 MLY A 29 14.34 -14.43 1.79
HD3 MLY A 29 15.88 -14.07 1.69
HE2 MLY A 29 15.56 -13.44 -0.53
HE3 MLY A 29 14.03 -13.87 -0.41
HH11 MLY A 29 14.34 -17.28 -0.69
HH12 MLY A 29 13.23 -15.89 -0.71
HH13 MLY A 29 14.02 -16.37 0.80
HH21 MLY A 29 15.39 -16.18 -2.53
HH22 MLY A 29 16.22 -14.63 -2.30
HH23 MLY A 29 14.44 -14.69 -2.38
N LEU A 30 12.33 -11.25 5.39
CA LEU A 30 11.93 -11.35 6.78
C LEU A 30 11.26 -12.69 7.04
N LEU A 31 11.14 -13.02 8.32
CA LEU A 31 10.48 -14.25 8.72
C LEU A 31 8.98 -14.12 8.54
N LEU A 32 8.33 -15.26 8.31
CA LEU A 32 6.87 -15.22 8.18
C LEU A 32 6.22 -14.71 9.45
N SER A 33 6.87 -14.88 10.60
CA SER A 33 6.36 -14.35 11.86
C SER A 33 6.65 -12.85 12.08
N ASP A 34 7.48 -12.23 11.25
CA ASP A 34 7.88 -10.84 11.44
C ASP A 34 6.79 -9.86 11.02
N ARG A 35 6.90 -8.63 11.54
CA ARG A 35 6.10 -7.50 11.11
C ARG A 35 6.36 -7.17 9.64
N TRP A 36 5.54 -6.25 9.10
CA TRP A 36 5.72 -5.75 7.75
C TRP A 36 7.10 -5.13 7.57
N GLY A 37 7.64 -5.26 6.35
CA GLY A 37 8.86 -4.55 6.02
C GLY A 37 8.73 -3.04 6.10
N TRP A 38 7.51 -2.52 5.88
CA TRP A 38 7.19 -1.10 6.09
C TRP A 38 6.02 -1.01 7.06
N SER A 39 6.24 -0.43 8.25
CA SER A 39 5.27 -0.50 9.33
C SER A 39 5.28 0.77 10.18
N ASP A 40 4.37 0.81 11.15
CA ASP A 40 4.43 1.75 12.25
C ASP A 40 5.45 1.25 13.27
N VAL A 41 5.55 1.98 14.40
CA VAL A 41 6.54 1.61 15.41
C VAL A 41 6.19 0.27 16.05
N SER A 42 4.90 -0.08 16.12
CA SER A 42 4.51 -1.35 16.71
C SER A 42 4.72 -2.55 15.79
N GLY A 43 4.83 -2.31 14.47
CA GLY A 43 4.88 -3.38 13.49
C GLY A 43 3.52 -3.87 12.98
N LEU A 44 2.45 -3.51 13.69
CA LEU A 44 1.12 -4.06 13.38
C LEU A 44 0.46 -3.40 12.17
N GLN A 45 0.82 -2.16 11.86
CA GLN A 45 0.20 -1.40 10.78
C GLN A 45 1.12 -1.35 9.57
N HIS A 46 0.56 -1.59 8.38
CA HIS A 46 1.35 -1.55 7.16
C HIS A 46 1.49 -0.11 6.71
N ARG A 47 2.74 0.33 6.45
CA ARG A 47 2.99 1.74 6.14
C ARG A 47 3.96 1.91 4.98
N PRO A 48 3.63 1.36 3.82
CA PRO A 48 4.40 1.70 2.62
C PRO A 48 4.32 3.20 2.35
N LEU A 49 5.49 3.81 2.09
CA LEU A 49 5.60 5.26 2.03
C LEU A 49 4.66 5.86 0.98
N ASP A 50 4.67 5.29 -0.22
CA ASP A 50 3.90 5.82 -1.35
C ASP A 50 2.40 5.71 -1.15
N ARG A 51 1.93 5.06 -0.09
CA ARG A 51 0.50 4.91 0.11
C ARG A 51 -0.02 5.63 1.34
N VAL A 52 0.83 6.36 2.07
CA VAL A 52 0.35 7.27 3.10
C VAL A 52 -0.25 8.48 2.40
N ALA A 53 -1.57 8.62 2.48
CA ALA A 53 -2.25 9.67 1.73
C ALA A 53 -2.41 10.93 2.57
N LEU A 54 -2.56 12.06 1.89
CA LEU A 54 -3.02 13.26 2.53
C LEU A 54 -4.49 13.09 2.93
N PRO A 55 -4.90 13.62 4.09
CA PRO A 55 -6.32 13.46 4.49
C PRO A 55 -7.30 14.05 3.49
N SER A 56 -6.92 15.11 2.80
CA SER A 56 -7.81 15.84 1.90
C SER A 56 -6.96 16.74 1.01
N PRO A 57 -7.55 17.34 -0.03
CA PRO A 57 -6.82 18.30 -0.87
C PRO A 57 -6.45 19.60 -0.17
N HIS A 58 -6.88 19.81 1.07
CA HIS A 58 -6.46 20.99 1.82
C HIS A 58 -5.09 20.82 2.47
N TRP A 59 -4.52 19.63 2.37
CA TRP A 59 -3.18 19.38 2.88
C TRP A 59 -2.20 19.30 1.72
N GLU A 60 -0.95 19.63 1.99
CA GLU A 60 0.14 19.39 1.05
C GLU A 60 1.36 18.94 1.85
N TRP A 61 2.25 18.20 1.19
CA TRP A 61 3.48 17.77 1.81
C TRP A 61 4.50 18.89 1.79
N GLU A 62 5.30 19.00 2.88
CA GLU A 62 6.36 19.99 2.93
C GLU A 62 7.63 19.55 2.23
N SER A 63 7.80 18.26 1.98
CA SER A 63 9.00 17.74 1.32
C SER A 63 8.68 16.30 0.97
N ASP A 64 9.66 15.62 0.37
CA ASP A 64 9.56 14.17 0.29
C ASP A 64 9.91 13.54 1.65
N TRP A 65 9.60 12.25 1.79
CA TRP A 65 10.04 11.48 2.95
C TRP A 65 11.54 11.62 3.19
N TYR A 66 11.95 11.64 4.45
CA TYR A 66 13.38 11.62 4.76
C TYR A 66 13.60 10.88 6.07
N VAL A 67 14.82 10.36 6.26
CA VAL A 67 15.10 9.61 7.50
C VAL A 67 15.30 10.56 8.67
N ASP A 68 14.63 10.26 9.79
CA ASP A 68 14.88 10.92 11.07
C ASP A 68 16.11 10.28 11.70
N GLU A 69 17.27 10.95 11.60
CA GLU A 69 18.51 10.39 12.12
C GLU A 69 18.66 10.69 13.60
N ASN A 70 17.64 10.36 14.35
CA ASN A 70 17.63 10.60 15.78
C ASN A 70 16.98 9.42 16.46
N PHE A 71 17.46 9.15 17.66
CA PHE A 71 16.98 8.02 18.45
C PHE A 71 17.32 8.29 19.90
N GLY A 72 16.30 8.29 20.75
CA GLY A 72 16.49 8.50 22.18
C GLY A 72 17.05 9.86 22.54
N GLY A 73 16.65 10.90 21.81
CA GLY A 73 17.11 12.22 22.19
C GLY A 73 18.52 12.52 21.80
N GLU A 74 19.11 11.73 20.90
CA GLU A 74 20.44 11.97 20.38
C GLU A 74 20.51 11.53 18.93
N PRO A 75 21.41 12.11 18.14
CA PRO A 75 21.60 11.66 16.76
C PRO A 75 21.84 10.16 16.69
N THR A 76 21.46 9.57 15.56
CA THR A 76 21.87 8.22 15.23
C THR A 76 23.22 8.27 14.50
N GLU A 77 23.72 7.11 14.10
CA GLU A 77 24.76 7.08 13.08
C GLU A 77 24.14 7.47 11.73
N LYS A 78 25.00 7.77 10.76
CA LYS A 78 24.51 8.03 9.41
C LYS A 78 23.69 6.84 8.92
N GLY A 79 22.57 7.14 8.26
CA GLY A 79 21.63 6.15 7.80
C GLY A 79 20.41 6.01 8.69
N GLY A 80 20.53 6.38 9.97
CA GLY A 80 19.40 6.39 10.86
C GLY A 80 19.00 5.05 11.43
N TRP A 81 19.80 4.00 11.21
CA TRP A 81 19.45 2.65 11.70
C TRP A 81 19.64 2.50 13.21
N THR A 82 18.78 1.69 13.81
CA THR A 82 18.96 1.21 15.16
C THR A 82 18.79 -0.30 15.14
N TYR A 83 19.50 -0.96 16.06
CA TYR A 83 19.75 -2.40 16.01
C TYR A 83 19.20 -3.08 17.24
N ALA A 84 18.77 -4.33 17.03
CA ALA A 84 18.19 -5.09 18.13
C ALA A 84 18.33 -6.58 17.85
N ILE A 85 18.16 -7.36 18.92
CA ILE A 85 18.17 -8.82 18.82
C ILE A 85 16.96 -9.33 18.04
N ASP A 86 15.80 -8.70 18.22
CA ASP A 86 14.56 -9.04 17.52
C ASP A 86 13.71 -7.78 17.54
N PHE A 87 12.70 -7.72 16.67
CA PHE A 87 11.99 -6.45 16.48
C PHE A 87 11.35 -5.94 17.77
N PRO A 88 10.84 -6.77 18.67
CA PRO A 88 10.24 -6.25 19.91
C PRO A 88 11.22 -5.87 20.98
N ALA A 89 12.53 -6.03 20.77
CA ALA A 89 13.51 -5.90 21.84
C ALA A 89 14.00 -4.47 21.91
N THR A 90 15.17 -4.24 22.52
CA THR A 90 15.67 -2.91 22.80
C THR A 90 16.65 -2.49 21.71
N TYR A 91 16.52 -1.25 21.25
CA TYR A 91 17.28 -0.77 20.11
C TYR A 91 18.44 0.13 20.55
N THR A 92 19.54 0.05 19.79
CA THR A 92 20.68 0.93 19.95
C THR A 92 21.13 1.50 18.61
N LYS A 93 21.81 2.65 18.65
CA LYS A 93 22.30 3.20 17.39
C LYS A 93 23.45 2.37 16.81
N ASP A 94 24.07 1.52 17.62
CA ASP A 94 25.19 0.71 17.18
C ASP A 94 24.77 -0.76 17.08
N MLY A 95 25.29 -1.44 16.06
CA MLY A 95 25.10 -2.87 15.85
CB MLY A 95 25.63 -3.32 14.49
CG MLY A 95 24.94 -4.50 13.85
CD MLY A 95 25.55 -5.83 14.09
CE MLY A 95 26.17 -6.47 12.84
NZ MLY A 95 26.27 -8.01 12.88
CH1 MLY A 95 26.66 -8.52 14.22
CH2 MLY A 95 24.95 -8.60 12.59
C MLY A 95 25.83 -3.62 16.95
O MLY A 95 27.06 -3.49 17.07
H MLY A 95 25.78 -1.07 15.45
HA MLY A 95 24.14 -3.08 15.87
HB2 MLY A 95 26.57 -3.57 14.59
HB3 MLY A 95 25.57 -2.57 13.88
HG2 MLY A 95 24.92 -4.35 12.88
HG3 MLY A 95 24.02 -4.53 14.18
HD2 MLY A 95 24.87 -6.44 14.42
HD3 MLY A 95 26.25 -5.74 14.74
HE2 MLY A 95 27.08 -6.13 12.73
HE3 MLY A 95 25.64 -6.24 12.07
HH11 MLY A 95 27.00 -9.55 14.13
HH12 MLY A 95 25.79 -8.48 14.88
HH13 MLY A 95 27.45 -7.90 14.62
HH21 MLY A 95 24.95 -9.65 12.86
HH22 MLY A 95 24.74 -8.49 11.52
HH23 MLY A 95 24.19 -8.07 13.16
N MLY A 96 25.11 -4.40 17.74
CA MLY A 96 25.74 -5.22 18.79
CB MLY A 96 24.82 -5.37 19.98
CG MLY A 96 24.34 -4.08 20.58
CD MLY A 96 25.43 -3.31 21.36
CE MLY A 96 24.86 -2.04 21.93
NZ MLY A 96 25.43 -1.59 23.21
CH1 MLY A 96 25.59 -0.14 23.07
CH2 MLY A 96 24.37 -1.84 24.21
C MLY A 96 26.09 -6.58 18.19
O MLY A 96 25.66 -6.91 17.10
H MLY A 96 24.26 -4.47 17.71
HA MLY A 96 26.56 -4.80 19.11
HB2 MLY A 96 25.30 -5.86 20.68
HB3 MLY A 96 24.05 -5.88 19.71
HG2 MLY A 96 23.62 -4.28 21.20
HG3 MLY A 96 24.01 -3.51 19.87
HD2 MLY A 96 26.16 -3.08 20.75
HD3 MLY A 96 25.77 -3.85 22.08
HE2 MLY A 96 23.91 -2.18 22.08
HE3 MLY A 96 24.98 -1.33 21.29
HH11 MLY A 96 25.86 0.29 24.04
HH12 MLY A 96 24.67 0.30 22.72
HH13 MLY A 96 26.39 0.07 22.36
HH21 MLY A 96 24.77 -1.68 25.21
HH22 MLY A 96 24.01 -2.86 24.12
HH23 MLY A 96 23.54 -1.15 24.04
N TRP A 97 26.86 -7.37 18.91
CA TRP A 97 27.31 -8.67 18.40
C TRP A 97 26.14 -9.63 18.12
N ASN A 98 25.03 -9.43 18.83
CA ASN A 98 23.87 -10.31 18.74
C ASN A 98 22.67 -9.63 18.07
N SER A 99 22.89 -8.52 17.36
CA SER A 99 21.79 -7.85 16.64
C SER A 99 21.42 -8.65 15.40
N CYS A 100 20.14 -9.04 15.27
CA CYS A 100 19.65 -9.74 14.09
C CYS A 100 18.68 -8.93 13.25
N VAL A 101 18.26 -7.76 13.73
CA VAL A 101 17.35 -6.90 13.02
C VAL A 101 17.82 -5.46 13.14
N ARG A 102 17.22 -4.60 12.34
CA ARG A 102 17.44 -3.16 12.40
C ARG A 102 16.24 -2.49 11.76
N ARG A 103 16.03 -1.23 12.12
CA ARG A 103 14.97 -0.42 11.54
C ARG A 103 15.38 1.05 11.55
N ARG A 104 14.74 1.84 10.70
CA ARG A 104 14.94 3.29 10.74
C ARG A 104 13.62 3.98 10.48
N MLY A 105 13.51 5.21 10.95
CA MLY A 105 12.23 5.91 10.95
CB MLY A 105 11.99 6.65 12.27
CG MLY A 105 10.62 7.31 12.40
CD MLY A 105 10.64 8.55 13.27
CE MLY A 105 11.18 8.28 14.63
NZ MLY A 105 11.39 9.51 15.45
CH1 MLY A 105 10.06 10.06 15.75
CH2 MLY A 105 12.01 9.06 16.70
C MLY A 105 12.26 6.94 9.85
O MLY A 105 13.13 7.82 9.87
HA MLY A 105 11.50 5.27 10.83
HB2 MLY A 105 12.66 7.33 12.36
HB3 MLY A 105 12.08 6.01 13.00
HG2 MLY A 105 10.00 6.68 12.80
HG3 MLY A 105 10.31 7.56 11.52
HD2 MLY A 105 9.74 8.89 13.36
HD3 MLY A 105 11.19 9.22 12.84
HE2 MLY A 105 12.04 7.83 14.55
HE3 MLY A 105 10.56 7.71 15.11
HH11 MLY A 105 10.15 10.79 16.55
HH12 MLY A 105 9.40 9.25 16.06
HH13 MLY A 105 9.66 10.54 14.86
HH21 MLY A 105 12.12 9.91 17.38
HH22 MLY A 105 13.00 8.65 16.49
HH23 MLY A 105 11.39 8.30 17.15
N TRP A 106 11.35 6.81 8.90
CA TRP A 106 11.13 7.83 7.88
C TRP A 106 10.03 8.80 8.33
N ILE A 107 10.23 10.11 8.04
CA ILE A 107 9.25 11.12 8.42
C ILE A 107 8.94 12.06 7.25
N ARG A 108 7.77 12.70 7.37
CA ARG A 108 7.27 13.64 6.38
C ARG A 108 6.24 14.53 7.05
N TYR A 109 6.38 15.85 6.87
CA TYR A 109 5.38 16.80 7.37
C TYR A 109 4.37 17.19 6.29
N ARG A 110 3.11 17.33 6.70
CA ARG A 110 2.06 17.91 5.89
C ARG A 110 1.51 19.15 6.58
N ARG A 111 1.13 20.12 5.76
CA ARG A 111 0.67 21.43 6.20
C ARG A 111 -0.70 21.69 5.65
N TYR A 112 -1.57 22.29 6.48
CA TYR A 112 -2.92 22.68 6.09
C TYR A 112 -2.94 24.03 5.41
N LYS A 113 -3.80 24.17 4.42
CA LYS A 113 -3.95 25.45 3.70
C LYS A 113 -5.39 25.91 3.80
N ARG B 9 28.30 5.92 -22.08
CA ARG B 9 27.06 5.66 -21.33
C ARG B 9 26.74 4.18 -21.22
N ARG B 10 26.32 3.76 -20.04
CA ARG B 10 25.87 2.38 -19.81
C ARG B 10 24.70 2.38 -18.83
N ARG B 11 23.64 1.68 -19.20
CA ARG B 11 22.46 1.56 -18.36
C ARG B 11 22.60 0.39 -17.40
N GLU B 12 22.33 0.66 -16.13
CA GLU B 12 22.20 -0.38 -15.12
C GLU B 12 20.74 -0.52 -14.76
N GLU B 13 20.34 -1.72 -14.37
CA GLU B 13 18.93 -1.96 -14.07
C GLU B 13 18.77 -2.84 -12.84
N ALA B 14 17.61 -2.73 -12.21
CA ALA B 14 17.26 -3.55 -11.07
C ALA B 14 15.75 -3.62 -11.02
N TYR B 15 15.23 -4.71 -10.45
CA TYR B 15 13.78 -4.92 -10.36
C TYR B 15 13.28 -4.84 -8.93
N GLU B 16 12.14 -4.18 -8.76
CA GLU B 16 11.40 -4.13 -7.51
C GLU B 16 10.21 -5.07 -7.66
N ASN B 17 10.17 -6.14 -6.86
CA ASN B 17 9.20 -7.22 -7.03
C ASN B 17 8.18 -7.18 -5.89
N GLN B 18 6.88 -7.23 -6.21
CA GLN B 18 5.84 -7.20 -5.19
C GLN B 18 4.83 -8.32 -5.38
N ARG B 19 4.26 -8.81 -4.27
CA ARG B 19 3.26 -9.87 -4.29
C ARG B 19 1.98 -9.39 -3.64
N TRP B 20 0.82 -9.78 -4.19
CA TRP B 20 -0.46 -9.46 -3.56
C TRP B 20 -0.61 -10.27 -2.28
N ASN B 21 -0.85 -9.55 -1.19
CA ASN B 21 -1.28 -10.07 0.09
C ASN B 21 -2.63 -9.44 0.39
N PRO B 22 -3.65 -10.20 0.79
CA PRO B 22 -4.97 -9.58 1.02
C PRO B 22 -4.96 -8.52 2.12
N MET B 23 -4.10 -8.65 3.13
CA MET B 23 -4.04 -7.62 4.15
C MET B 23 -3.38 -6.34 3.65
N GLY B 24 -2.52 -6.42 2.65
CA GLY B 24 -1.68 -5.29 2.28
C GLY B 24 -1.67 -4.89 0.81
N GLY B 25 -2.37 -5.65 -0.02
CA GLY B 25 -2.37 -5.40 -1.47
C GLY B 25 -1.04 -5.84 -2.08
N PHE B 26 -0.70 -5.24 -3.23
CA PHE B 26 0.60 -5.52 -3.81
C PHE B 26 1.61 -4.91 -2.86
N CYS B 27 2.49 -5.75 -2.33
CA CYS B 27 3.38 -5.25 -1.28
C CYS B 27 4.65 -6.09 -1.18
N GLU B 28 5.41 -5.83 -0.11
CA GLU B 28 6.76 -6.32 0.10
C GLU B 28 6.77 -7.68 0.80
N MLY B 29 5.59 -8.17 1.18
CA MLY B 29 5.53 -9.43 1.90
CB MLY B 29 4.33 -9.50 2.84
CG MLY B 29 4.51 -10.48 3.96
CD MLY B 29 3.38 -10.50 4.97
CE MLY B 29 3.55 -9.56 6.12
NZ MLY B 29 2.85 -10.02 7.35
CH1 MLY B 29 3.10 -9.05 8.42
CH2 MLY B 29 1.39 -9.98 7.06
C MLY B 29 5.50 -10.59 0.88
O MLY B 29 4.45 -10.96 0.35
H MLY B 29 4.84 -7.79 1.03
HA MLY B 29 6.32 -9.54 2.47
HB2 MLY B 29 3.55 -9.75 2.33
HB3 MLY B 29 4.19 -8.61 3.22
HG2 MLY B 29 5.32 -10.26 4.44
HG3 MLY B 29 4.59 -11.36 3.58
HD2 MLY B 29 3.31 -11.40 5.34
HD3 MLY B 29 2.56 -10.27 4.52
HE2 MLY B 29 3.20 -8.69 5.86
HE3 MLY B 29 4.49 -9.47 6.33
HH11 MLY B 29 2.63 -9.38 9.34
HH12 MLY B 29 2.70 -8.08 8.13
HH13 MLY B 29 4.18 -8.95 8.57
HH21 MLY B 29 0.83 -10.05 7.99
HH22 MLY B 29 1.14 -10.82 6.41
HH23 MLY B 29 1.15 -9.05 6.55
N LEU B 30 6.67 -11.13 0.60
CA LEU B 30 6.81 -12.16 -0.43
C LEU B 30 6.75 -13.53 0.24
N LEU B 31 6.49 -14.58 -0.55
CA LEU B 31 6.53 -15.94 -0.05
C LEU B 31 7.98 -16.34 0.24
N LEU B 32 8.16 -17.32 1.14
CA LEU B 32 9.51 -17.82 1.40
C LEU B 32 10.16 -18.38 0.15
N SER B 33 9.36 -18.90 -0.77
CA SER B 33 9.86 -19.50 -2.00
C SER B 33 10.10 -18.46 -3.10
N ASP B 34 9.69 -17.21 -2.89
CA ASP B 34 9.85 -16.16 -3.88
C ASP B 34 11.29 -15.67 -3.95
N ARG B 35 11.59 -15.02 -5.08
CA ARG B 35 12.81 -14.25 -5.29
C ARG B 35 12.92 -13.08 -4.31
N TRP B 36 14.13 -12.51 -4.26
CA TRP B 36 14.39 -11.29 -3.53
C TRP B 36 13.41 -10.19 -3.93
N GLY B 37 13.12 -9.28 -2.99
CA GLY B 37 12.28 -8.14 -3.31
C GLY B 37 12.96 -7.13 -4.21
N TRP B 38 14.28 -7.11 -4.20
CA TRP B 38 15.08 -6.34 -5.13
C TRP B 38 16.04 -7.31 -5.82
N SER B 39 15.93 -7.40 -7.14
CA SER B 39 16.64 -8.45 -7.87
C SER B 39 17.00 -8.01 -9.28
N ASP B 40 17.75 -8.87 -9.97
CA ASP B 40 17.85 -8.80 -11.42
C ASP B 40 16.58 -9.33 -12.06
N VAL B 41 16.57 -9.38 -13.40
CA VAL B 41 15.38 -9.85 -14.11
C VAL B 41 15.06 -11.31 -13.79
N SER B 42 16.07 -12.13 -13.47
CA SER B 42 15.79 -13.55 -13.22
C SER B 42 15.34 -13.83 -11.80
N GLY B 43 15.53 -12.88 -10.89
CA GLY B 43 15.25 -13.11 -9.50
C GLY B 43 16.34 -13.81 -8.73
N LEU B 44 17.41 -14.28 -9.38
CA LEU B 44 18.41 -15.06 -8.66
C LEU B 44 19.43 -14.19 -7.95
N GLN B 45 19.63 -12.96 -8.42
CA GLN B 45 20.63 -12.06 -7.85
C GLN B 45 19.95 -11.02 -6.98
N HIS B 46 20.41 -10.91 -5.73
CA HIS B 46 19.94 -9.87 -4.83
C HIS B 46 20.51 -8.54 -5.26
N ARG B 47 19.66 -7.53 -5.39
CA ARG B 47 20.05 -6.26 -6.02
C ARG B 47 19.39 -5.07 -5.34
N PRO B 48 19.71 -4.81 -4.07
CA PRO B 48 19.28 -3.54 -3.46
C PRO B 48 19.94 -2.35 -4.14
N LEU B 49 19.16 -1.28 -4.34
CA LEU B 49 19.65 -0.17 -5.17
C LEU B 49 20.95 0.45 -4.64
N ASP B 50 21.06 0.66 -3.34
CA ASP B 50 22.27 1.38 -2.89
C ASP B 50 23.47 0.48 -2.72
N ARG B 51 23.37 -0.79 -3.07
CA ARG B 51 24.50 -1.69 -3.04
C ARG B 51 25.06 -1.98 -4.43
N VAL B 52 24.44 -1.44 -5.48
CA VAL B 52 24.93 -1.63 -6.84
C VAL B 52 26.15 -0.75 -7.05
N ALA B 53 27.28 -1.37 -7.34
CA ALA B 53 28.57 -0.71 -7.41
C ALA B 53 28.90 -0.29 -8.84
N LEU B 54 29.66 0.78 -8.96
CA LEU B 54 30.24 1.12 -10.25
C LEU B 54 31.41 0.19 -10.53
N PRO B 55 31.79 0.03 -11.80
CA PRO B 55 32.91 -0.86 -12.12
C PRO B 55 34.19 -0.42 -11.44
N SER B 56 34.34 0.87 -11.15
CA SER B 56 35.56 1.43 -10.55
C SER B 56 35.31 2.88 -10.20
N PRO B 57 36.20 3.51 -9.42
CA PRO B 57 36.08 4.96 -9.22
C PRO B 57 36.26 5.78 -10.50
N HIS B 58 36.65 5.17 -11.62
CA HIS B 58 36.71 5.89 -12.89
C HIS B 58 35.35 6.05 -13.57
N TRP B 59 34.29 5.53 -12.98
CA TRP B 59 32.92 5.71 -13.45
C TRP B 59 32.20 6.60 -12.47
N GLU B 60 31.11 7.21 -12.93
CA GLU B 60 30.24 8.00 -12.06
C GLU B 60 28.79 7.87 -12.50
N TRP B 61 27.89 7.88 -11.53
CA TRP B 61 26.47 7.81 -11.82
C TRP B 61 26.00 9.12 -12.43
N GLU B 62 25.06 9.02 -13.36
CA GLU B 62 24.50 10.19 -14.02
C GLU B 62 23.33 10.80 -13.29
N SER B 63 22.53 9.97 -12.63
CA SER B 63 21.38 10.43 -11.88
C SER B 63 21.16 9.47 -10.74
N ASP B 64 20.19 9.79 -9.90
CA ASP B 64 19.67 8.80 -8.99
C ASP B 64 18.99 7.69 -9.80
N TRP B 65 18.79 6.55 -9.15
CA TRP B 65 17.90 5.54 -9.68
C TRP B 65 16.55 6.16 -9.99
N TYR B 66 15.93 5.74 -11.09
CA TYR B 66 14.55 6.16 -11.36
C TYR B 66 13.85 5.03 -12.07
N VAL B 67 12.52 5.06 -12.00
CA VAL B 67 11.70 4.01 -12.59
C VAL B 67 11.63 4.23 -14.10
N ASP B 68 11.83 3.15 -14.85
CA ASP B 68 11.70 3.15 -16.29
C ASP B 68 10.25 2.82 -16.62
N GLU B 69 9.47 3.81 -17.04
CA GLU B 69 8.03 3.62 -17.29
C GLU B 69 7.80 3.22 -18.76
N ASN B 70 8.44 2.11 -19.12
CA ASN B 70 8.40 1.56 -20.47
C ASN B 70 8.53 0.06 -20.39
N PHE B 71 7.81 -0.63 -21.27
CA PHE B 71 7.83 -2.09 -21.29
C PHE B 71 7.44 -2.57 -22.68
N GLY B 72 8.17 -3.52 -23.23
CA GLY B 72 7.88 -4.03 -24.56
C GLY B 72 7.90 -3.00 -25.68
N GLY B 73 8.71 -1.96 -25.52
CA GLY B 73 8.77 -0.91 -26.54
C GLY B 73 7.67 0.12 -26.45
N GLU B 74 6.91 0.14 -25.35
CA GLU B 74 5.82 1.07 -25.18
C GLU B 74 5.80 1.58 -23.74
N PRO B 75 5.21 2.75 -23.51
CA PRO B 75 5.04 3.21 -22.13
C PRO B 75 4.27 2.24 -21.26
N THR B 76 4.60 2.22 -19.98
CA THR B 76 3.75 1.60 -18.98
C THR B 76 2.70 2.61 -18.57
N GLU B 77 1.79 2.21 -17.69
CA GLU B 77 1.08 3.23 -16.95
C GLU B 77 2.03 3.95 -16.01
N LYS B 78 1.53 5.01 -15.37
CA LYS B 78 2.33 5.73 -14.40
C LYS B 78 2.68 4.77 -13.27
N GLY B 79 3.90 4.88 -12.77
CA GLY B 79 4.42 4.00 -11.76
C GLY B 79 5.30 2.87 -12.28
N GLY B 80 5.20 2.55 -13.57
CA GLY B 80 6.07 1.59 -14.22
C GLY B 80 5.78 0.13 -13.97
N TRP B 81 4.65 -0.20 -13.33
CA TRP B 81 4.44 -1.60 -12.96
C TRP B 81 4.06 -2.45 -14.15
N THR B 82 4.47 -3.72 -14.12
CA THR B 82 4.01 -4.75 -15.03
C THR B 82 3.54 -5.94 -14.19
N TYR B 83 2.55 -6.69 -14.72
CA TYR B 83 1.75 -7.64 -13.95
C TYR B 83 1.89 -9.06 -14.48
N ALA B 84 1.85 -10.05 -13.58
CA ALA B 84 1.88 -11.46 -13.96
C ALA B 84 1.17 -12.32 -12.91
N ILE B 85 0.91 -13.57 -13.30
CA ILE B 85 0.29 -14.52 -12.38
C ILE B 85 1.26 -14.94 -11.30
N ASP B 86 2.56 -15.03 -11.64
CA ASP B 86 3.63 -15.39 -10.72
C ASP B 86 4.91 -14.82 -11.32
N PHE B 87 5.98 -14.81 -10.53
CA PHE B 87 7.15 -14.05 -10.97
C PHE B 87 7.82 -14.65 -12.20
N PRO B 88 7.80 -15.96 -12.42
CA PRO B 88 8.44 -16.52 -13.61
C PRO B 88 7.64 -16.38 -14.89
N ALA B 89 6.43 -15.88 -14.82
CA ALA B 89 5.49 -16.02 -15.91
C ALA B 89 5.60 -14.79 -16.81
N THR B 90 4.59 -14.58 -17.64
CA THR B 90 4.59 -13.53 -18.65
C THR B 90 3.97 -12.26 -18.11
N TYR B 91 4.64 -11.14 -18.35
CA TYR B 91 4.22 -9.87 -17.80
C TYR B 91 3.48 -9.06 -18.86
N THR B 92 2.56 -8.23 -18.39
CA THR B 92 1.81 -7.32 -19.23
C THR B 92 1.75 -5.94 -18.59
N LYS B 93 1.61 -4.93 -19.45
CA LYS B 93 1.37 -3.57 -18.98
C LYS B 93 0.13 -3.51 -18.11
N ASP B 94 -0.91 -4.24 -18.50
CA ASP B 94 -2.19 -4.13 -17.79
C ASP B 94 -2.38 -5.20 -16.73
N MLY B 95 -3.06 -4.79 -15.66
CA MLY B 95 -3.41 -5.69 -14.59
CB MLY B 95 -3.95 -4.88 -13.42
CG MLY B 95 -4.09 -5.61 -12.14
CD MLY B 95 -4.51 -4.65 -11.03
CE MLY B 95 -5.96 -4.17 -11.15
NZ MLY B 95 -6.25 -2.90 -10.43
CH1 MLY B 95 -7.64 -2.53 -10.76
CH2 MLY B 95 -6.24 -3.18 -8.99
C MLY B 95 -4.47 -6.68 -15.10
O MLY B 95 -5.45 -6.27 -15.70
H MLY B 95 -3.32 -3.99 -15.55
HA MLY B 95 -2.63 -6.19 -14.27
HB2 MLY B 95 -4.83 -4.54 -13.65
HB3 MLY B 95 -3.35 -4.14 -13.25
HG2 MLY B 95 -3.24 -6.00 -11.90
HG3 MLY B 95 -4.77 -6.29 -12.24
HD2 MLY B 95 -3.95 -3.87 -11.05
HD3 MLY B 95 -4.42 -5.10 -10.18
HE2 MLY B 95 -6.55 -4.86 -10.79
HE3 MLY B 95 -6.16 -4.03 -12.09
HH11 MLY B 95 -7.95 -1.71 -10.12
HH12 MLY B 95 -8.29 -3.38 -10.59
HH13 MLY B 95 -7.69 -2.22 -11.80
HH21 MLY B 95 -7.26 -3.27 -8.62
HH22 MLY B 95 -5.73 -2.37 -8.46
HH23 MLY B 95 -5.71 -4.12 -8.80
N MLY B 96 -4.25 -7.97 -14.87
CA MLY B 96 -5.22 -8.99 -15.25
CB MLY B 96 -4.52 -10.13 -15.97
CG MLY B 96 -3.68 -9.75 -17.17
CD MLY B 96 -4.37 -8.87 -18.18
CE MLY B 96 -3.83 -9.09 -19.59
NZ MLY B 96 -4.59 -8.42 -20.68
CH1 MLY B 96 -3.89 -8.70 -21.95
CH2 MLY B 96 -5.87 -9.11 -20.79
C MLY B 96 -6.00 -9.51 -14.05
O MLY B 96 -5.62 -9.28 -12.90
HA MLY B 96 -5.88 -8.58 -15.87
HB2 MLY B 96 -5.20 -10.76 -16.27
HB3 MLY B 96 -3.94 -10.58 -15.33
HG2 MLY B 96 -3.41 -10.56 -17.63
HG3 MLY B 96 -2.90 -9.27 -16.85
HD2 MLY B 96 -4.23 -7.93 -17.93
HD3 MLY B 96 -5.32 -9.06 -18.17
HE2 MLY B 96 -3.84 -10.05 -19.77
HE3 MLY B 96 -2.91 -8.77 -19.63
HH11 MLY B 96 -4.41 -8.21 -22.77
HH12 MLY B 96 -3.87 -9.77 -22.13
HH13 MLY B 96 -2.87 -8.32 -21.91
HH21 MLY B 96 -6.36 -8.80 -21.72
HH22 MLY B 96 -6.51 -8.83 -19.94
HH23 MLY B 96 -5.71 -10.18 -20.79
N TRP B 97 -7.09 -10.23 -14.30
CA TRP B 97 -7.87 -10.80 -13.21
C TRP B 97 -7.05 -11.74 -12.32
N ASN B 98 -6.00 -12.35 -12.89
CA ASN B 98 -5.20 -13.29 -12.13
C ASN B 98 -3.79 -12.77 -11.86
N SER B 99 -3.61 -11.47 -11.83
CA SER B 99 -2.28 -10.88 -11.60
C SER B 99 -2.01 -10.89 -10.10
N CYS B 100 -1.26 -11.90 -9.64
CA CYS B 100 -0.91 -11.99 -8.22
C CYS B 100 0.42 -11.32 -7.87
N VAL B 101 1.20 -10.95 -8.87
CA VAL B 101 2.47 -10.26 -8.63
C VAL B 101 2.64 -9.13 -9.63
N ARG B 102 3.58 -8.25 -9.30
CA ARG B 102 3.98 -7.21 -10.22
C ARG B 102 5.43 -6.84 -9.95
N ARG B 103 6.04 -6.18 -10.93
CA ARG B 103 7.41 -5.69 -10.77
C ARG B 103 7.60 -4.46 -11.64
N ARG B 104 8.56 -3.63 -11.26
CA ARG B 104 8.91 -2.51 -12.12
C ARG B 104 10.46 -2.45 -12.21
N MLY B 105 10.93 -1.84 -13.27
CA MLY B 105 12.36 -1.77 -13.55
CB MLY B 105 12.59 -2.08 -15.02
CG MLY B 105 14.06 -2.24 -15.41
CD MLY B 105 14.37 -1.71 -16.79
CE MLY B 105 13.51 -2.28 -17.89
NZ MLY B 105 13.62 -1.48 -19.14
CH1 MLY B 105 14.93 -1.78 -19.81
CH2 MLY B 105 12.49 -1.90 -20.01
C MLY B 105 12.91 -0.39 -13.20
O MLY B 105 12.44 0.64 -13.71
HA MLY B 105 12.84 -2.43 -13.02
HB2 MLY B 105 12.22 -1.36 -15.55
HB3 MLY B 105 12.14 -2.91 -15.24
HG2 MLY B 105 14.30 -3.18 -15.39
HG3 MLY B 105 14.61 -1.76 -14.78
HD2 MLY B 105 15.29 -1.91 -17.00
HD3 MLY B 105 14.23 -0.75 -16.79
HE2 MLY B 105 12.59 -2.29 -17.61
HE3 MLY B 105 13.79 -3.20 -18.08
HH11 MLY B 105 14.97 -1.25 -20.76
HH12 MLY B 105 15.01 -2.85 -19.99
HH13 MLY B 105 15.74 -1.45 -19.17
HH21 MLY B 105 12.61 -1.46 -21.00
HH22 MLY B 105 11.56 -1.57 -19.56
HH23 MLY B 105 12.48 -2.98 -20.10
N TRP B 106 13.89 -0.39 -12.32
CA TRP B 106 14.61 0.81 -11.94
C TRP B 106 15.87 0.80 -12.78
N ILE B 107 16.29 1.98 -13.23
CA ILE B 107 17.45 2.09 -14.07
C ILE B 107 18.30 3.23 -13.55
N ARG B 108 19.56 3.23 -13.98
CA ARG B 108 20.49 4.28 -13.62
C ARG B 108 21.63 4.21 -14.62
N TYR B 109 22.03 5.36 -15.16
CA TYR B 109 23.12 5.42 -16.13
C TYR B 109 24.44 5.73 -15.43
N ARG B 110 25.51 5.14 -15.95
CA ARG B 110 26.87 5.44 -15.51
C ARG B 110 27.72 5.87 -16.68
N ARG B 111 28.74 6.67 -16.38
CA ARG B 111 29.63 7.24 -17.37
C ARG B 111 31.07 7.24 -16.86
N TYR B 112 31.99 7.23 -17.81
CA TYR B 112 33.41 7.39 -17.50
C TYR B 112 33.71 8.76 -16.88
N LYS B 113 34.17 8.76 -15.64
CA LYS B 113 34.58 9.96 -14.89
C LYS B 113 34.63 9.62 -13.39
N PRO C 7 -47.79 10.12 6.33
CA PRO C 7 -46.99 9.20 7.15
C PRO C 7 -45.66 9.80 7.62
N ILE C 8 -45.23 9.39 8.82
CA ILE C 8 -43.95 9.78 9.40
C ILE C 8 -42.97 8.64 9.14
N ARG C 9 -41.91 8.90 8.38
CA ARG C 9 -41.03 7.82 7.98
C ARG C 9 -39.62 8.35 7.77
N ARG C 10 -38.65 7.45 7.92
CA ARG C 10 -37.26 7.85 7.81
C ARG C 10 -36.44 6.68 7.31
N ARG C 11 -35.45 6.99 6.49
CA ARG C 11 -34.64 5.99 5.81
C ARG C 11 -33.34 5.81 6.57
N GLU C 12 -32.97 4.56 6.83
CA GLU C 12 -31.64 4.22 7.30
C GLU C 12 -30.79 3.79 6.11
N GLU C 13 -29.47 3.98 6.20
CA GLU C 13 -28.60 3.60 5.09
C GLU C 13 -27.32 2.97 5.60
N ALA C 14 -26.72 2.11 4.76
CA ALA C 14 -25.44 1.48 5.03
C ALA C 14 -24.75 1.27 3.70
N TYR C 15 -23.43 1.32 3.70
CA TYR C 15 -22.66 1.04 2.49
C TYR C 15 -21.99 -0.31 2.60
N GLU C 16 -22.09 -1.10 1.55
CA GLU C 16 -21.33 -2.34 1.40
C GLU C 16 -20.11 -2.05 0.53
N ASN C 17 -18.90 -2.28 1.09
CA ASN C 17 -17.63 -1.84 0.52
C ASN C 17 -16.83 -3.04 0.03
N GLN C 18 -16.37 -3.00 -1.23
CA GLN C 18 -15.62 -4.10 -1.81
C GLN C 18 -14.34 -3.57 -2.44
N ARG C 19 -13.33 -4.44 -2.48
CA ARG C 19 -12.03 -4.13 -3.08
C ARG C 19 -11.62 -5.22 -4.06
N TRP C 20 -11.06 -4.79 -5.17
CA TRP C 20 -10.53 -5.72 -6.16
C TRP C 20 -9.40 -6.53 -5.58
N ASN C 21 -9.47 -7.87 -5.75
CA ASN C 21 -8.45 -8.86 -5.45
C ASN C 21 -8.10 -9.67 -6.69
N PRO C 22 -6.83 -10.07 -6.83
CA PRO C 22 -6.52 -11.12 -7.81
C PRO C 22 -7.36 -12.37 -7.53
N MET C 23 -7.67 -13.10 -8.61
CA MET C 23 -8.41 -14.37 -8.61
C MET C 23 -9.88 -14.18 -8.25
N GLY C 24 -10.20 -13.29 -7.34
CA GLY C 24 -11.56 -13.14 -6.84
C GLY C 24 -12.37 -11.94 -7.32
N GLY C 25 -11.74 -11.01 -8.05
CA GLY C 25 -12.40 -9.78 -8.47
C GLY C 25 -12.71 -8.88 -7.27
N PHE C 26 -13.75 -8.03 -7.44
CA PHE C 26 -14.18 -7.18 -6.33
C PHE C 26 -14.88 -8.03 -5.27
N CYS C 27 -14.48 -7.92 -4.00
CA CYS C 27 -15.04 -8.81 -3.01
C CYS C 27 -14.84 -8.24 -1.59
N GLU C 28 -15.23 -9.04 -0.62
CA GLU C 28 -15.30 -8.59 0.77
C GLU C 28 -13.93 -8.60 1.46
N MLY C 29 -12.90 -9.05 0.74
CA MLY C 29 -11.56 -9.12 1.33
CB MLY C 29 -10.74 -10.23 0.71
CG MLY C 29 -11.17 -11.60 1.19
CD MLY C 29 -11.88 -12.37 0.12
CE MLY C 29 -10.92 -13.17 -0.71
NZ MLY C 29 -11.09 -14.65 -0.58
CH1 MLY C 29 -10.11 -15.30 -1.49
CH2 MLY C 29 -10.76 -15.05 0.80
C MLY C 29 -10.84 -7.81 1.22
O MLY C 29 -10.28 -7.48 0.16
H MLY C 29 -12.94 -9.32 -0.07
HA MLY C 29 -11.66 -9.33 2.30
HB2 MLY C 29 -9.81 -10.11 0.94
HB3 MLY C 29 -10.85 -10.21 -0.25
HG2 MLY C 29 -11.76 -11.49 1.94
HG3 MLY C 29 -10.39 -12.09 1.45
HD2 MLY C 29 -12.36 -11.76 -0.46
HD3 MLY C 29 -12.52 -12.97 0.53
HE2 MLY C 29 -10.01 -12.95 -0.44
HE3 MLY C 29 -11.04 -12.93 -1.65
HH11 MLY C 29 -10.18 -16.38 -1.39
HH12 MLY C 29 -9.10 -14.97 -1.22
HH13 MLY C 29 -10.32 -15.01 -2.52
HH21 MLY C 29 -10.55 -16.12 0.82
HH22 MLY C 29 -11.61 -14.83 1.44
HH23 MLY C 29 -9.89 -14.50 1.14
N LEU C 30 -10.86 -7.04 2.30
CA LEU C 30 -10.36 -5.68 2.31
C LEU C 30 -8.98 -5.65 2.98
N LEU C 31 -8.26 -4.55 2.75
CA LEU C 31 -6.95 -4.32 3.37
C LEU C 31 -7.09 -4.11 4.87
N LEU C 32 -6.01 -4.39 5.60
CA LEU C 32 -6.03 -4.10 7.03
C LEU C 32 -6.40 -2.66 7.31
N SER C 33 -5.94 -1.74 6.48
CA SER C 33 -6.16 -0.32 6.73
C SER C 33 -7.52 0.18 6.24
N ASP C 34 -8.28 -0.67 5.52
CA ASP C 34 -9.52 -0.21 4.92
C ASP C 34 -10.62 -0.06 5.99
N ARG C 35 -11.61 0.78 5.67
CA ARG C 35 -12.87 0.84 6.42
C ARG C 35 -13.54 -0.53 6.52
N TRP C 36 -14.43 -0.68 7.51
CA TRP C 36 -15.28 -1.87 7.62
C TRP C 36 -15.98 -2.18 6.28
N GLY C 37 -16.20 -3.48 6.01
CA GLY C 37 -16.91 -3.87 4.80
C GLY C 37 -18.35 -3.34 4.77
N TRP C 38 -18.92 -3.09 5.95
CA TRP C 38 -20.23 -2.46 6.13
C TRP C 38 -20.02 -1.16 6.92
N SER C 39 -20.21 0.00 6.29
CA SER C 39 -19.87 1.27 6.95
C SER C 39 -20.84 2.36 6.50
N ASP C 40 -20.67 3.57 7.05
CA ASP C 40 -21.38 4.73 6.52
C ASP C 40 -20.63 5.29 5.34
N VAL C 41 -21.10 6.43 4.82
CA VAL C 41 -20.46 7.03 3.65
C VAL C 41 -19.03 7.50 3.97
N SER C 42 -18.79 7.95 5.19
CA SER C 42 -17.46 8.44 5.55
C SER C 42 -16.47 7.32 5.85
N GLY C 43 -16.94 6.11 6.06
CA GLY C 43 -16.06 5.03 6.44
C GLY C 43 -15.74 4.96 7.94
N LEU C 44 -16.20 5.92 8.73
CA LEU C 44 -15.76 6.03 10.11
C LEU C 44 -16.74 5.41 11.10
N GLN C 45 -17.88 4.91 10.60
CA GLN C 45 -18.92 4.26 11.39
C GLN C 45 -19.18 2.87 10.84
N HIS C 46 -19.18 1.90 11.72
CA HIS C 46 -19.50 0.52 11.35
C HIS C 46 -21.02 0.39 11.23
N ARG C 47 -21.52 -0.19 10.12
CA ARG C 47 -22.96 -0.26 9.86
C ARG C 47 -23.37 -1.67 9.44
N PRO C 48 -23.13 -2.65 10.29
CA PRO C 48 -23.67 -4.00 10.01
C PRO C 48 -25.20 -3.92 9.95
N LEU C 49 -25.76 -4.28 8.79
CA LEU C 49 -27.20 -4.20 8.59
C LEU C 49 -27.95 -4.80 9.77
N ASP C 50 -27.47 -5.96 10.26
CA ASP C 50 -28.16 -6.73 11.30
C ASP C 50 -28.29 -5.93 12.57
N ARG C 51 -27.20 -5.31 13.02
CA ARG C 51 -27.17 -4.61 14.30
C ARG C 51 -27.76 -3.19 14.22
N VAL C 52 -28.34 -2.79 13.10
CA VAL C 52 -28.98 -1.48 13.03
C VAL C 52 -30.30 -1.56 13.80
N ALA C 53 -30.34 -0.91 14.95
CA ALA C 53 -31.50 -1.00 15.84
C ALA C 53 -32.48 0.12 15.56
N LEU C 54 -33.75 -0.18 15.78
CA LEU C 54 -34.80 0.80 15.67
C LEU C 54 -34.74 1.77 16.85
N PRO C 55 -35.21 3.00 16.67
CA PRO C 55 -35.13 3.97 17.78
C PRO C 55 -35.84 3.51 19.04
N SER C 56 -37.07 2.99 18.90
CA SER C 56 -37.87 2.63 20.06
C SER C 56 -38.99 1.70 19.59
N PRO C 57 -39.77 1.15 20.52
CA PRO C 57 -40.90 0.28 20.11
C PRO C 57 -41.97 0.99 19.32
N HIS C 58 -42.00 2.34 19.33
CA HIS C 58 -42.95 3.07 18.50
C HIS C 58 -42.58 3.06 17.02
N TRP C 59 -41.37 2.63 16.70
CA TRP C 59 -40.92 2.54 15.32
C TRP C 59 -40.97 1.10 14.85
N GLU C 60 -41.14 0.92 13.54
CA GLU C 60 -41.09 -0.39 12.91
C GLU C 60 -40.62 -0.25 11.48
N TRP C 61 -40.11 -1.34 10.93
CA TRP C 61 -39.54 -1.34 9.59
C TRP C 61 -40.62 -1.51 8.54
N GLU C 62 -40.48 -0.78 7.43
CA GLU C 62 -41.43 -0.91 6.33
C GLU C 62 -41.14 -2.15 5.49
N SER C 63 -39.88 -2.57 5.45
CA SER C 63 -39.51 -3.72 4.63
C SER C 63 -38.12 -4.18 5.09
N ASP C 64 -37.65 -5.26 4.48
CA ASP C 64 -36.29 -5.67 4.75
C ASP C 64 -35.34 -4.72 4.01
N TRP C 65 -34.07 -4.80 4.39
CA TRP C 65 -33.02 -4.01 3.76
C TRP C 65 -33.03 -4.30 2.26
N TYR C 66 -32.76 -3.27 1.45
CA TYR C 66 -32.59 -3.50 0.01
C TYR C 66 -31.61 -2.49 -0.58
N VAL C 67 -31.05 -2.86 -1.74
CA VAL C 67 -30.03 -2.03 -2.37
C VAL C 67 -30.71 -0.87 -3.10
N ASP C 68 -30.19 0.35 -2.92
CA ASP C 68 -30.66 1.55 -3.63
C ASP C 68 -29.90 1.64 -4.95
N GLU C 69 -30.55 1.22 -6.03
CA GLU C 69 -29.89 1.16 -7.35
C GLU C 69 -29.98 2.53 -8.04
N ASN C 70 -29.47 3.54 -7.34
CA ASN C 70 -29.52 4.91 -7.84
C ASN C 70 -28.25 5.62 -7.38
N PHE C 71 -27.72 6.51 -8.22
CA PHE C 71 -26.54 7.29 -7.89
C PHE C 71 -26.55 8.58 -8.70
N GLY C 72 -26.28 9.70 -8.04
CA GLY C 72 -26.25 11.00 -8.72
C GLY C 72 -27.50 11.33 -9.50
N GLY C 73 -28.67 10.99 -8.95
CA GLY C 73 -29.92 11.29 -9.61
C GLY C 73 -30.27 10.42 -10.80
N GLU C 74 -29.60 9.30 -11.00
CA GLU C 74 -29.85 8.38 -12.10
C GLU C 74 -29.76 6.95 -11.61
N PRO C 75 -30.39 6.00 -12.31
CA PRO C 75 -30.18 4.58 -12.00
C PRO C 75 -28.71 4.19 -12.10
N THR C 76 -28.33 3.25 -11.26
CA THR C 76 -27.09 2.51 -11.46
C THR C 76 -27.30 1.40 -12.48
N GLU C 77 -26.23 0.67 -12.79
CA GLU C 77 -26.40 -0.64 -13.41
C GLU C 77 -26.96 -1.61 -12.35
N LYS C 78 -27.50 -2.73 -12.81
CA LYS C 78 -28.02 -3.72 -11.85
C LYS C 78 -26.95 -4.05 -10.82
N GLY C 79 -27.37 -4.18 -9.57
CA GLY C 79 -26.46 -4.40 -8.46
C GLY C 79 -26.20 -3.16 -7.63
N GLY C 80 -26.42 -1.98 -8.19
CA GLY C 80 -26.23 -0.75 -7.45
C GLY C 80 -24.80 -0.31 -7.21
N TRP C 81 -23.80 -0.94 -7.81
CA TRP C 81 -22.41 -0.60 -7.50
C TRP C 81 -21.99 0.74 -8.07
N THR C 82 -21.08 1.44 -7.35
CA THR C 82 -20.37 2.61 -7.83
C THR C 82 -18.89 2.37 -7.58
N TYR C 83 -18.04 2.91 -8.43
CA TYR C 83 -16.63 2.52 -8.51
C TYR C 83 -15.70 3.71 -8.28
N ALA C 84 -14.52 3.44 -7.69
CA ALA C 84 -13.52 4.50 -7.46
C ALA C 84 -12.12 3.90 -7.44
N ILE C 85 -11.12 4.78 -7.48
CA ILE C 85 -9.73 4.34 -7.37
C ILE C 85 -9.43 3.80 -5.96
N ASP C 86 -9.98 4.44 -4.93
CA ASP C 86 -9.84 4.06 -3.52
C ASP C 86 -11.05 4.58 -2.78
N PHE C 87 -11.28 4.07 -1.56
CA PHE C 87 -12.53 4.42 -0.90
C PHE C 87 -12.72 5.92 -0.68
N PRO C 88 -11.68 6.73 -0.45
CA PRO C 88 -11.90 8.17 -0.26
C PRO C 88 -12.05 8.98 -1.55
N ALA C 89 -12.00 8.36 -2.71
CA ALA C 89 -11.90 9.08 -3.97
C ALA C 89 -13.28 9.29 -4.59
N THR C 90 -13.32 9.55 -5.90
CA THR C 90 -14.55 9.91 -6.57
C THR C 90 -15.22 8.70 -7.20
N TYR C 91 -16.55 8.58 -7.03
CA TYR C 91 -17.25 7.39 -7.47
C TYR C 91 -18.03 7.66 -8.76
N THR C 92 -18.12 6.63 -9.60
CA THR C 92 -18.91 6.67 -10.83
C THR C 92 -19.77 5.41 -10.93
N LYS C 93 -20.90 5.52 -11.64
CA LYS C 93 -21.73 4.33 -11.80
C LYS C 93 -21.03 3.26 -12.63
N ASP C 94 -20.05 3.65 -13.46
CA ASP C 94 -19.36 2.69 -14.32
C ASP C 94 -17.96 2.43 -13.79
N MLY C 95 -17.48 1.21 -14.01
CA MLY C 95 -16.14 0.87 -13.62
CB MLY C 95 -15.92 -0.64 -13.67
CG MLY C 95 -14.53 -1.12 -13.26
CD MLY C 95 -14.32 -2.63 -13.43
CE MLY C 95 -14.54 -3.19 -14.82
NZ MLY C 95 -13.52 -2.87 -15.82
CH1 MLY C 95 -12.18 -3.27 -15.35
CH2 MLY C 95 -13.81 -3.64 -17.04
C MLY C 95 -15.20 1.57 -14.56
O MLY C 95 -15.38 1.51 -15.77
H MLY C 95 -17.93 0.57 -14.37
HA MLY C 95 -15.97 1.14 -12.69
HB2 MLY C 95 -16.07 -0.94 -14.58
HB3 MLY C 95 -16.56 -1.07 -13.09
HG2 MLY C 95 -14.39 -0.90 -12.33
HG3 MLY C 95 -13.87 -0.68 -13.80
HD2 MLY C 95 -14.93 -3.09 -12.84
HD3 MLY C 95 -13.41 -2.84 -13.17
HE2 MLY C 95 -15.39 -2.84 -15.15
HE3 MLY C 95 -14.59 -4.15 -14.76
HH11 MLY C 95 -11.54 -3.47 -16.21
HH12 MLY C 95 -12.27 -4.16 -14.74
HH13 MLY C 95 -11.75 -2.46 -14.77
HH21 MLY C 95 -13.15 -3.33 -17.84
HH22 MLY C 95 -14.85 -3.48 -17.33
HH23 MLY C 95 -13.66 -4.71 -16.84
N MLY C 96 -14.08 2.06 -14.04
CA MLY C 96 -13.03 2.67 -14.88
CB MLY C 96 -12.57 3.99 -14.26
CG MLY C 96 -13.68 5.02 -14.10
CD MLY C 96 -14.42 5.34 -15.43
CE MLY C 96 -15.41 6.51 -15.27
NZ MLY C 96 -16.31 6.76 -16.44
CH1 MLY C 96 -17.12 7.95 -16.17
CH2 MLY C 96 -15.47 7.09 -17.60
C MLY C 96 -11.88 1.66 -15.03
O MLY C 96 -11.65 0.91 -14.10
HA MLY C 96 -13.36 2.89 -15.78
HB2 MLY C 96 -11.87 4.37 -14.82
HB3 MLY C 96 -12.21 3.80 -13.37
HG2 MLY C 96 -13.29 5.85 -13.78
HG3 MLY C 96 -14.33 4.69 -13.47
HD2 MLY C 96 -14.92 4.56 -15.71
HD3 MLY C 96 -13.77 5.59 -16.11
HE2 MLY C 96 -14.91 7.31 -15.10
HE3 MLY C 96 -15.98 6.31 -14.51
HH11 MLY C 96 -17.82 8.12 -16.99
HH12 MLY C 96 -16.47 8.81 -16.05
HH13 MLY C 96 -17.68 7.80 -15.24
HH21 MLY C 96 -16.08 7.53 -18.38
HH22 MLY C 96 -15.00 6.18 -17.98
HH23 MLY C 96 -14.70 7.80 -17.31
N TRP C 97 -10.86 1.97 -15.83
CA TRP C 97 -9.73 1.05 -16.06
C TRP C 97 -8.86 0.90 -14.81
N ASN C 98 -8.85 1.93 -13.94
CA ASN C 98 -8.05 1.93 -12.73
C ASN C 98 -8.89 1.91 -11.44
N SER C 99 -10.18 1.59 -11.51
CA SER C 99 -10.96 1.41 -10.30
C SER C 99 -10.45 0.21 -9.50
N CYS C 100 -10.20 0.41 -8.20
CA CYS C 100 -9.80 -0.69 -7.31
C CYS C 100 -10.82 -0.98 -6.22
N VAL C 101 -11.85 -0.16 -6.06
CA VAL C 101 -12.90 -0.42 -5.08
C VAL C 101 -14.27 -0.14 -5.67
N ARG C 102 -15.28 -0.67 -4.99
CA ARG C 102 -16.65 -0.34 -5.31
C ARG C 102 -17.47 -0.37 -4.03
N ARG C 103 -18.57 0.36 -4.04
CA ARG C 103 -19.50 0.32 -2.91
C ARG C 103 -20.92 0.54 -3.41
N ARG C 104 -21.88 0.04 -2.64
CA ARG C 104 -23.29 0.28 -2.91
C ARG C 104 -24.01 0.62 -1.64
N MLY C 105 -25.09 1.38 -1.80
CA MLY C 105 -25.90 1.86 -0.72
CB MLY C 105 -26.41 3.27 -0.99
CG MLY C 105 -27.11 3.89 0.21
CD MLY C 105 -27.49 5.35 0.06
CE MLY C 105 -27.84 5.77 -1.33
NZ MLY C 105 -28.71 7.02 -1.42
CH1 MLY C 105 -28.51 7.60 -2.76
CH2 MLY C 105 -28.28 8.02 -0.41
C MLY C 105 -27.08 0.95 -0.49
O MLY C 105 -27.91 0.77 -1.36
H MLY C 105 -25.37 1.64 -2.58
HA MLY C 105 -25.34 1.89 0.09
HB2 MLY C 105 -27.05 3.24 -1.72
HB3 MLY C 105 -25.67 3.84 -1.24
HG2 MLY C 105 -26.50 3.83 0.97
HG3 MLY C 105 -27.92 3.38 0.39
HD2 MLY C 105 -26.75 5.90 0.36
HD3 MLY C 105 -28.27 5.52 0.62
HE2 MLY C 105 -28.33 5.05 -1.77
HE3 MLY C 105 -27.02 5.95 -1.82
HH11 MLY C 105 -29.21 8.43 -2.91
HH12 MLY C 105 -28.67 6.84 -3.52
HH13 MLY C 105 -27.49 7.98 -2.84
HH21 MLY C 105 -28.65 9.00 -0.69
HH22 MLY C 105 -27.19 8.05 -0.37
HH23 MLY C 105 -28.67 7.75 0.56
N TRP C 106 -27.12 0.35 0.69
CA TRP C 106 -28.31 -0.33 1.20
C TRP C 106 -29.18 0.65 2.02
N ILE C 107 -30.51 0.50 1.93
CA ILE C 107 -31.47 1.37 2.63
C ILE C 107 -32.63 0.55 3.20
N ARG C 108 -33.35 1.19 4.12
CA ARG C 108 -34.46 0.55 4.82
C ARG C 108 -35.23 1.66 5.51
N TYR C 109 -36.54 1.71 5.28
CA TYR C 109 -37.39 2.73 5.86
C TYR C 109 -38.02 2.19 7.14
N ARG C 110 -38.17 3.07 8.12
CA ARG C 110 -38.93 2.78 9.33
C ARG C 110 -40.02 3.83 9.45
N ARG C 111 -41.14 3.41 10.06
CA ARG C 111 -42.35 4.22 10.17
C ARG C 111 -42.74 4.35 11.64
N TYR C 112 -42.98 5.57 12.08
CA TYR C 112 -43.32 5.89 13.47
C TYR C 112 -44.63 5.25 13.88
C1 GOL D . -9.42 -4.67 -12.87
O1 GOL D . -10.78 -4.31 -12.75
C2 GOL D . -9.23 -5.30 -14.28
O2 GOL D . -10.44 -5.57 -14.91
C3 GOL D . -8.45 -6.59 -14.03
O3 GOL D . -9.39 -7.53 -13.51
H11 GOL D . -9.14 -5.30 -12.20
H12 GOL D . -8.83 -3.91 -12.77
HO1 GOL D . -11.18 -4.98 -12.42
H2 GOL D . -8.73 -4.68 -14.85
HO2 GOL D . -10.60 -6.40 -14.83
H31 GOL D . -7.72 -6.41 -13.42
H32 GOL D . -8.04 -6.89 -14.85
HO3 GOL D . -8.98 -8.01 -12.93
C1 GOL E . -10.89 0.27 10.75
O1 GOL E . -11.90 0.91 10.16
C2 GOL E . -10.77 -1.06 9.99
O2 GOL E . -9.43 -1.46 9.92
C3 GOL E . -11.66 -2.03 10.72
O3 GOL E . -11.92 -3.08 9.86
H11 GOL E . -11.05 0.10 11.70
H12 GOL E . -10.06 0.76 10.71
H2 GOL E . -11.07 -0.96 9.08
HO2 GOL E . -9.34 -1.92 9.19
H31 GOL E . -12.46 -1.57 11.02
H32 GOL E . -11.21 -2.31 11.55
HO3 GOL E . -11.19 -3.23 9.45
#